data_1LGQ
#
_entry.id   1LGQ
#
_cell.length_a   54.900
_cell.length_b   52.900
_cell.length_c   77.250
_cell.angle_alpha   90.00
_cell.angle_beta   90.00
_cell.angle_gamma   90.00
#
_symmetry.space_group_name_H-M   'P 21 21 21'
#
loop_
_entity.id
_entity.type
_entity.pdbx_description
1 polymer 'cell cycle checkpoint protein CHFR'
2 water water
#
_entity_poly.entity_id   1
_entity_poly.type   'polypeptide(L)'
_entity_poly.pdbx_seq_one_letter_code
;MQPWGRLLRLGAEEGEPHVLLRKREWTIGRRRGCDLSFPSNKLVSGDHCRIVVDEKSGQVTLEDTSTSGTVINKLKVVKK
QTCPLQTGDVIYLVYRKNEPEHNVAYLYESLS
;
_entity_poly.pdbx_strand_id   A,B
#
# COMPACT_ATOMS: atom_id res chain seq x y z
N MET A 1 12.97 4.87 28.23
CA MET A 1 12.16 3.66 27.87
C MET A 1 12.62 3.04 26.55
N GLN A 2 12.90 1.75 26.61
CA GLN A 2 13.34 0.97 25.45
C GLN A 2 12.63 1.31 24.13
N PRO A 3 13.29 1.06 22.99
CA PRO A 3 12.72 1.35 21.67
C PRO A 3 11.71 0.30 21.23
N TRP A 4 10.50 0.74 20.91
CA TRP A 4 9.45 -0.20 20.48
C TRP A 4 9.35 -0.31 18.97
N GLY A 5 9.97 0.65 18.27
CA GLY A 5 9.93 0.63 16.83
C GLY A 5 10.99 1.54 16.22
N ARG A 6 11.05 1.58 14.89
CA ARG A 6 12.04 2.42 14.20
C ARG A 6 11.55 2.89 12.84
N LEU A 7 12.15 3.99 12.37
CA LEU A 7 11.81 4.58 11.07
C LEU A 7 13.10 4.75 10.28
N LEU A 8 13.00 4.58 8.96
CA LEU A 8 14.17 4.72 8.12
C LEU A 8 13.81 5.56 6.90
N ARG A 9 14.55 6.64 6.70
CA ARG A 9 14.35 7.51 5.55
C ARG A 9 14.76 6.70 4.34
N LEU A 10 13.88 6.59 3.35
CA LEU A 10 14.19 5.84 2.14
C LEU A 10 14.78 6.74 1.08
N GLY A 11 15.52 6.14 0.13
CA GLY A 11 16.11 6.91 -0.95
C GLY A 11 17.28 7.78 -0.59
N ALA A 12 17.96 7.45 0.50
CA ALA A 12 19.10 8.25 0.92
C ALA A 12 20.41 7.48 0.72
N GLU A 13 21.52 8.19 0.87
CA GLU A 13 22.84 7.58 0.73
C GLU A 13 22.96 6.39 1.68
N GLU A 14 23.89 5.50 1.39
CA GLU A 14 24.10 4.34 2.25
C GLU A 14 24.56 4.85 3.59
N GLY A 15 24.21 4.13 4.64
CA GLY A 15 24.61 4.55 5.97
C GLY A 15 23.55 5.37 6.67
N GLU A 16 22.34 5.43 6.10
CA GLU A 16 21.26 6.18 6.73
C GLU A 16 20.90 5.52 8.07
N PRO A 17 20.92 6.29 9.16
CA PRO A 17 20.59 5.76 10.48
C PRO A 17 19.10 5.58 10.71
N HIS A 18 18.75 4.54 11.44
CA HIS A 18 17.37 4.31 11.76
C HIS A 18 17.03 5.31 12.87
N VAL A 19 15.78 5.75 12.89
CA VAL A 19 15.34 6.67 13.94
C VAL A 19 14.63 5.75 14.92
N LEU A 20 15.11 5.70 16.15
CA LEU A 20 14.51 4.83 17.16
C LEU A 20 13.39 5.51 17.95
N LEU A 21 12.25 4.85 18.02
CA LEU A 21 11.10 5.39 18.74
C LEU A 21 11.14 4.90 20.19
N ARG A 22 11.57 5.78 21.09
CA ARG A 22 11.71 5.48 22.51
C ARG A 22 10.65 6.13 23.38
N LYS A 23 9.61 6.68 22.77
CA LYS A 23 8.54 7.32 23.53
C LYS A 23 7.20 6.85 23.00
N ARG A 24 6.21 6.77 23.89
CA ARG A 24 4.88 6.32 23.48
C ARG A 24 4.35 7.18 22.36
N GLU A 25 4.70 8.47 22.39
CA GLU A 25 4.27 9.39 21.35
C GLU A 25 5.48 10.03 20.66
N TRP A 26 5.42 10.05 19.32
CA TRP A 26 6.48 10.60 18.49
C TRP A 26 5.90 11.56 17.46
N THR A 27 6.13 12.85 17.68
CA THR A 27 5.60 13.87 16.77
C THR A 27 6.53 14.14 15.59
N ILE A 28 5.91 14.48 14.46
CA ILE A 28 6.64 14.76 13.24
C ILE A 28 6.15 16.03 12.58
N GLY A 29 7.07 16.92 12.25
CA GLY A 29 6.66 18.16 11.60
C GLY A 29 7.82 19.06 11.18
N ARG A 30 7.47 20.23 10.67
CA ARG A 30 8.46 21.21 10.23
C ARG A 30 9.05 21.93 11.46
N ARG A 31 8.21 22.15 12.47
CA ARG A 31 8.62 22.82 13.70
C ARG A 31 9.82 22.14 14.33
N ARG A 32 10.77 22.94 14.79
CA ARG A 32 11.98 22.43 15.40
C ARG A 32 11.71 21.64 16.69
N GLY A 33 10.54 21.84 17.27
CA GLY A 33 10.20 21.14 18.50
C GLY A 33 9.85 19.67 18.36
N CYS A 34 9.33 19.28 17.19
CA CYS A 34 8.96 17.89 16.92
C CYS A 34 10.11 16.91 17.14
N ASP A 35 9.78 15.66 17.50
CA ASP A 35 10.80 14.64 17.72
C ASP A 35 11.56 14.36 16.45
N LEU A 36 10.86 14.45 15.32
CA LEU A 36 11.45 14.26 13.98
C LEU A 36 11.08 15.54 13.25
N SER A 37 12.05 16.46 13.14
CA SER A 37 11.83 17.77 12.53
C SER A 37 12.40 17.98 11.13
N PHE A 38 11.71 18.81 10.35
CA PHE A 38 12.14 19.14 8.98
C PHE A 38 12.03 20.65 8.75
N PRO A 39 12.81 21.43 9.53
CA PRO A 39 12.84 22.89 9.47
C PRO A 39 13.01 23.55 8.10
N SER A 40 13.62 22.86 7.15
CA SER A 40 13.80 23.45 5.84
C SER A 40 12.75 23.07 4.84
N ASN A 41 12.00 22.01 5.12
CA ASN A 41 11.01 21.57 4.17
C ASN A 41 9.69 22.32 4.35
N LYS A 42 9.34 23.09 3.32
CA LYS A 42 8.13 23.90 3.31
C LYS A 42 6.88 23.08 3.01
N LEU A 43 7.07 21.87 2.53
CA LEU A 43 5.93 21.00 2.20
C LEU A 43 5.45 20.18 3.39
N VAL A 44 6.09 20.39 4.54
CA VAL A 44 5.76 19.71 5.79
C VAL A 44 5.12 20.71 6.78
N SER A 45 3.93 20.38 7.26
CA SER A 45 3.23 21.26 8.20
C SER A 45 3.98 21.42 9.52
N GLY A 46 3.65 22.48 10.27
CA GLY A 46 4.26 22.73 11.56
C GLY A 46 4.26 21.46 12.38
N ASP A 47 3.08 20.86 12.48
CA ASP A 47 2.93 19.57 13.17
C ASP A 47 2.26 18.77 12.08
N HIS A 48 2.99 17.83 11.51
CA HIS A 48 2.44 17.06 10.43
C HIS A 48 1.60 15.88 10.87
N CYS A 49 2.18 15.00 11.68
CA CYS A 49 1.47 13.83 12.16
C CYS A 49 2.14 13.35 13.43
N ARG A 50 1.51 12.38 14.08
CA ARG A 50 1.99 11.83 15.34
C ARG A 50 1.87 10.31 15.37
N ILE A 51 2.95 9.64 15.74
CA ILE A 51 2.97 8.17 15.83
C ILE A 51 2.82 7.78 17.30
N VAL A 52 1.91 6.85 17.58
CA VAL A 52 1.66 6.44 18.96
C VAL A 52 1.44 4.94 19.16
N VAL A 53 1.94 4.43 20.28
CA VAL A 53 1.79 3.01 20.62
C VAL A 53 1.01 2.91 21.93
N ASP A 54 -0.17 2.30 21.86
CA ASP A 54 -1.05 2.15 23.03
C ASP A 54 -0.43 1.32 24.14
N GLU A 55 -0.32 1.93 25.32
CA GLU A 55 0.25 1.27 26.50
C GLU A 55 -0.56 0.02 26.84
N LYS A 56 -1.87 0.12 26.62
CA LYS A 56 -2.78 -0.98 26.90
C LYS A 56 -2.73 -2.11 25.87
N SER A 57 -3.21 -1.82 24.66
CA SER A 57 -3.28 -2.80 23.58
C SER A 57 -1.97 -3.12 22.86
N GLY A 58 -1.05 -2.17 22.80
CA GLY A 58 0.21 -2.40 22.12
C GLY A 58 0.12 -2.02 20.65
N GLN A 59 -1.08 -1.68 20.19
CA GLN A 59 -1.29 -1.28 18.80
C GLN A 59 -0.60 0.04 18.47
N VAL A 60 -0.16 0.18 17.22
CA VAL A 60 0.52 1.39 16.78
C VAL A 60 -0.36 2.19 15.82
N THR A 61 -0.43 3.50 16.07
CA THR A 61 -1.25 4.37 15.26
C THR A 61 -0.51 5.61 14.77
N LEU A 62 -0.94 6.13 13.63
CA LEU A 62 -0.37 7.35 13.07
C LEU A 62 -1.55 8.30 12.90
N GLU A 63 -1.48 9.42 13.58
CA GLU A 63 -2.53 10.43 13.53
C GLU A 63 -2.06 11.62 12.71
N ASP A 64 -2.83 11.97 11.68
CA ASP A 64 -2.46 13.10 10.85
C ASP A 64 -3.05 14.42 11.36
N THR A 65 -2.21 15.45 11.39
CA THR A 65 -2.62 16.78 11.84
C THR A 65 -2.08 17.84 10.89
N SER A 66 -1.72 17.42 9.69
CA SER A 66 -1.16 18.34 8.69
C SER A 66 -2.27 19.08 7.95
N THR A 67 -1.90 20.04 7.10
CA THR A 67 -2.89 20.79 6.35
C THR A 67 -3.31 20.08 5.08
N SER A 68 -2.46 19.19 4.57
CA SER A 68 -2.78 18.48 3.34
C SER A 68 -2.77 16.95 3.43
N GLY A 69 -2.54 16.41 4.64
CA GLY A 69 -2.54 14.96 4.79
C GLY A 69 -1.21 14.23 4.81
N THR A 70 -1.29 12.94 5.14
CA THR A 70 -0.14 12.05 5.20
C THR A 70 -0.46 10.80 4.41
N VAL A 71 0.47 10.35 3.58
CA VAL A 71 0.23 9.16 2.77
C VAL A 71 0.93 7.94 3.33
N ILE A 72 0.24 6.80 3.33
CA ILE A 72 0.83 5.56 3.82
C ILE A 72 0.69 4.44 2.81
N ASN A 73 1.82 3.83 2.47
CA ASN A 73 1.82 2.70 1.55
C ASN A 73 1.61 1.45 2.38
N LYS A 74 0.70 0.58 1.93
CA LYS A 74 0.36 -0.63 2.65
C LYS A 74 0.53 -1.94 1.88
N LEU A 75 0.89 -2.99 2.61
CA LEU A 75 1.03 -4.32 2.05
C LEU A 75 -0.09 -5.10 2.74
N LYS A 76 -1.27 -5.11 2.11
CA LYS A 76 -2.42 -5.78 2.69
C LYS A 76 -2.61 -7.21 2.17
N VAL A 77 -2.97 -8.11 3.07
CA VAL A 77 -3.22 -9.49 2.69
C VAL A 77 -4.72 -9.76 2.78
N VAL A 78 -5.31 -10.17 1.66
CA VAL A 78 -6.74 -10.44 1.60
C VAL A 78 -6.92 -11.95 1.59
N LYS A 79 -7.57 -12.48 2.61
CA LYS A 79 -7.77 -13.92 2.73
C LYS A 79 -9.25 -14.24 2.86
N LYS A 80 -9.80 -14.91 1.85
CA LYS A 80 -11.20 -15.29 1.87
C LYS A 80 -12.08 -14.13 2.34
N GLN A 81 -11.93 -12.99 1.68
CA GLN A 81 -12.69 -11.79 2.04
C GLN A 81 -12.76 -10.83 0.87
N THR A 82 -13.43 -9.71 1.08
CA THR A 82 -13.58 -8.70 0.06
C THR A 82 -12.69 -7.51 0.39
N CYS A 83 -12.50 -6.62 -0.56
CA CYS A 83 -11.66 -5.46 -0.32
C CYS A 83 -11.73 -4.45 -1.45
N PRO A 84 -11.89 -3.15 -1.12
CA PRO A 84 -11.95 -2.10 -2.14
C PRO A 84 -10.68 -2.01 -2.98
N LEU A 85 -10.84 -1.60 -4.23
CA LEU A 85 -9.72 -1.45 -5.15
C LEU A 85 -9.69 -0.02 -5.63
N GLN A 86 -8.50 0.56 -5.69
CA GLN A 86 -8.36 1.93 -6.19
C GLN A 86 -7.32 1.98 -7.30
N THR A 87 -7.45 2.97 -8.18
CA THR A 87 -6.48 3.18 -9.26
C THR A 87 -5.11 3.34 -8.61
N GLY A 88 -4.14 2.57 -9.09
CA GLY A 88 -2.81 2.65 -8.52
C GLY A 88 -2.48 1.44 -7.67
N ASP A 89 -3.51 0.71 -7.23
CA ASP A 89 -3.27 -0.48 -6.42
C ASP A 89 -2.61 -1.57 -7.28
N VAL A 90 -1.76 -2.36 -6.66
CA VAL A 90 -1.06 -3.44 -7.35
C VAL A 90 -1.56 -4.74 -6.74
N ILE A 91 -2.11 -5.62 -7.57
CA ILE A 91 -2.62 -6.90 -7.14
C ILE A 91 -1.54 -7.96 -7.33
N TYR A 92 -1.18 -8.64 -6.24
CA TYR A 92 -0.18 -9.70 -6.28
C TYR A 92 -0.89 -11.05 -6.13
N LEU A 93 -1.05 -11.77 -7.24
CA LEU A 93 -1.67 -13.09 -7.20
C LEU A 93 -0.70 -14.07 -6.53
N VAL A 94 0.59 -13.78 -6.68
CA VAL A 94 1.65 -14.58 -6.11
C VAL A 94 2.65 -13.56 -5.54
N TYR A 95 2.91 -13.65 -4.25
CA TYR A 95 3.84 -12.74 -3.59
C TYR A 95 4.94 -13.49 -2.83
N ARG A 96 6.18 -13.23 -3.22
CA ARG A 96 7.34 -13.85 -2.59
C ARG A 96 8.28 -12.71 -2.20
N LYS A 97 8.37 -12.41 -0.90
CA LYS A 97 9.25 -11.33 -0.50
C LYS A 97 10.68 -11.63 -0.89
N ASN A 98 11.35 -10.64 -1.47
CA ASN A 98 12.75 -10.77 -1.88
C ASN A 98 12.93 -11.75 -3.04
N GLU A 99 11.84 -12.35 -3.48
CA GLU A 99 11.85 -13.28 -4.61
C GLU A 99 10.81 -12.80 -5.62
N PRO A 100 10.92 -11.52 -6.03
CA PRO A 100 10.03 -10.87 -6.98
C PRO A 100 10.02 -11.50 -8.37
N GLU A 101 10.93 -12.42 -8.61
CA GLU A 101 10.99 -13.10 -9.90
C GLU A 101 9.78 -14.01 -10.03
N HIS A 102 9.27 -14.46 -8.88
CA HIS A 102 8.12 -15.36 -8.84
C HIS A 102 6.81 -14.61 -8.63
N ASN A 103 6.88 -13.30 -8.44
CA ASN A 103 5.68 -12.52 -8.24
C ASN A 103 4.86 -12.44 -9.53
N VAL A 104 3.56 -12.37 -9.35
CA VAL A 104 2.62 -12.23 -10.45
C VAL A 104 1.83 -11.02 -10.01
N ALA A 105 2.23 -9.85 -10.52
CA ALA A 105 1.60 -8.58 -10.17
C ALA A 105 0.90 -7.83 -11.30
N TYR A 106 -0.26 -7.26 -10.98
CA TYR A 106 -1.05 -6.49 -11.93
C TYR A 106 -1.44 -5.13 -11.36
N LEU A 107 -1.08 -4.08 -12.08
CA LEU A 107 -1.43 -2.74 -11.65
C LEU A 107 -2.87 -2.52 -12.09
N TYR A 108 -3.69 -2.01 -11.19
CA TYR A 108 -5.10 -1.77 -11.49
C TYR A 108 -5.37 -0.27 -11.72
N GLU A 109 -6.15 0.03 -12.75
CA GLU A 109 -6.51 1.40 -13.06
C GLU A 109 -7.95 1.48 -13.58
N SER A 110 -8.71 2.46 -13.11
CA SER A 110 -10.08 2.60 -13.59
C SER A 110 -10.06 3.49 -14.81
N LEU A 111 -11.02 3.30 -15.70
CA LEU A 111 -11.13 4.11 -16.91
C LEU A 111 -12.27 5.10 -16.69
N SER A 112 -13.17 4.70 -15.79
CA SER A 112 -14.27 5.56 -15.39
C SER A 112 -13.95 5.94 -13.94
N MET B 1 -20.14 -4.77 -23.12
CA MET B 1 -20.14 -3.71 -22.07
C MET B 1 -18.83 -2.94 -22.09
N GLN B 2 -18.94 -1.61 -22.13
CA GLN B 2 -17.79 -0.72 -22.16
C GLN B 2 -16.80 -1.00 -21.02
N PRO B 3 -15.50 -0.84 -21.29
CA PRO B 3 -14.45 -1.05 -20.30
C PRO B 3 -14.40 0.03 -19.22
N TRP B 4 -14.46 -0.41 -17.96
CA TRP B 4 -14.44 0.50 -16.81
C TRP B 4 -13.11 0.47 -16.08
N GLY B 5 -12.20 -0.38 -16.54
CA GLY B 5 -10.89 -0.48 -15.91
C GLY B 5 -9.92 -1.34 -16.69
N ARG B 6 -8.67 -1.36 -16.28
CA ARG B 6 -7.67 -2.18 -16.96
C ARG B 6 -6.64 -2.72 -15.98
N LEU B 7 -5.92 -3.75 -16.42
CA LEU B 7 -4.89 -4.37 -15.61
C LEU B 7 -3.62 -4.46 -16.46
N LEU B 8 -2.47 -4.33 -15.81
CA LEU B 8 -1.22 -4.43 -16.52
C LEU B 8 -0.29 -5.30 -15.71
N ARG B 9 0.18 -6.37 -16.34
CA ARG B 9 1.11 -7.31 -15.72
C ARG B 9 2.42 -6.55 -15.59
N LEU B 10 2.96 -6.48 -14.38
CA LEU B 10 4.20 -5.76 -14.17
C LEU B 10 5.43 -6.64 -14.37
N GLY B 11 6.55 -6.02 -14.71
CA GLY B 11 7.79 -6.75 -14.92
C GLY B 11 7.82 -7.58 -16.19
N ALA B 12 6.89 -7.33 -17.10
CA ALA B 12 6.85 -8.07 -18.34
C ALA B 12 7.68 -7.36 -19.39
N GLU B 13 8.04 -8.10 -20.45
CA GLU B 13 8.83 -7.54 -21.53
C GLU B 13 8.14 -6.29 -22.06
N GLU B 14 8.94 -5.37 -22.61
CA GLU B 14 8.44 -4.13 -23.18
C GLU B 14 7.31 -4.47 -24.13
N GLY B 15 6.22 -3.72 -24.07
CA GLY B 15 5.12 -4.00 -24.98
C GLY B 15 4.01 -4.86 -24.39
N GLU B 16 3.99 -5.02 -23.08
CA GLU B 16 2.95 -5.81 -22.42
C GLU B 16 1.60 -5.10 -22.59
N PRO B 17 0.61 -5.80 -23.16
CA PRO B 17 -0.73 -5.23 -23.37
C PRO B 17 -1.51 -5.12 -22.08
N HIS B 18 -2.52 -4.24 -22.09
CA HIS B 18 -3.39 -4.04 -20.93
C HIS B 18 -4.52 -5.03 -21.08
N VAL B 19 -5.10 -5.45 -19.97
CA VAL B 19 -6.24 -6.33 -19.98
C VAL B 19 -7.41 -5.42 -19.65
N LEU B 20 -8.37 -5.34 -20.55
CA LEU B 20 -9.53 -4.48 -20.36
C LEU B 20 -10.65 -5.22 -19.65
N LEU B 21 -11.19 -4.60 -18.62
CA LEU B 21 -12.27 -5.21 -17.86
C LEU B 21 -13.60 -4.72 -18.44
N ARG B 22 -14.16 -5.52 -19.34
CA ARG B 22 -15.43 -5.16 -19.99
C ARG B 22 -16.61 -5.95 -19.43
N LYS B 23 -16.44 -6.52 -18.25
CA LYS B 23 -17.48 -7.29 -17.59
C LYS B 23 -17.75 -6.77 -16.19
N ARG B 24 -18.90 -7.12 -15.64
CA ARG B 24 -19.26 -6.69 -14.30
C ARG B 24 -18.40 -7.46 -13.31
N GLU B 25 -18.05 -8.68 -13.69
CA GLU B 25 -17.22 -9.53 -12.85
C GLU B 25 -16.05 -10.08 -13.68
N TRP B 26 -14.85 -10.05 -13.09
CA TRP B 26 -13.67 -10.53 -13.77
C TRP B 26 -12.96 -11.58 -12.90
N THR B 27 -13.01 -12.84 -13.32
CA THR B 27 -12.37 -13.92 -12.58
C THR B 27 -10.92 -14.17 -12.96
N ILE B 28 -10.14 -14.50 -11.94
CA ILE B 28 -8.72 -14.74 -12.07
C ILE B 28 -8.41 -16.06 -11.37
N GLY B 29 -7.73 -16.96 -12.08
CA GLY B 29 -7.39 -18.23 -11.47
C GLY B 29 -6.53 -19.10 -12.36
N ARG B 30 -6.19 -20.27 -11.84
CA ARG B 30 -5.37 -21.21 -12.57
C ARG B 30 -6.23 -21.95 -13.61
N ARG B 31 -7.52 -22.11 -13.31
CA ARG B 31 -8.43 -22.80 -14.23
C ARG B 31 -8.59 -22.06 -15.55
N ARG B 32 -8.62 -22.80 -16.65
CA ARG B 32 -8.73 -22.22 -17.98
C ARG B 32 -10.05 -21.48 -18.22
N GLY B 33 -11.01 -21.70 -17.34
CA GLY B 33 -12.31 -21.03 -17.46
C GLY B 33 -12.31 -19.58 -17.01
N CYS B 34 -11.42 -19.22 -16.10
CA CYS B 34 -11.33 -17.83 -15.61
C CYS B 34 -11.10 -16.83 -16.75
N ASP B 35 -11.48 -15.57 -16.52
CA ASP B 35 -11.28 -14.52 -17.52
C ASP B 35 -9.79 -14.23 -17.70
N LEU B 36 -9.06 -14.36 -16.60
CA LEU B 36 -7.61 -14.17 -16.58
C LEU B 36 -7.13 -15.51 -16.05
N SER B 37 -6.51 -16.30 -16.93
CA SER B 37 -6.06 -17.65 -16.56
C SER B 37 -4.56 -17.85 -16.46
N PHE B 38 -4.16 -18.71 -15.52
CA PHE B 38 -2.75 -19.05 -15.30
C PHE B 38 -2.63 -20.58 -15.15
N PRO B 39 -3.08 -21.33 -16.16
CA PRO B 39 -3.05 -22.80 -16.16
C PRO B 39 -1.70 -23.49 -15.89
N SER B 40 -0.59 -22.77 -16.03
CA SER B 40 0.70 -23.39 -15.76
C SER B 40 1.27 -22.98 -14.42
N ASN B 41 0.59 -22.07 -13.73
CA ASN B 41 1.09 -21.63 -12.44
C ASN B 41 0.47 -22.37 -11.27
N LYS B 42 1.29 -23.20 -10.63
CA LYS B 42 0.86 -24.02 -9.50
C LYS B 42 0.67 -23.25 -8.20
N LEU B 43 1.07 -21.98 -8.19
CA LEU B 43 0.95 -21.16 -6.98
C LEU B 43 -0.35 -20.36 -6.93
N VAL B 44 -1.09 -20.41 -8.01
CA VAL B 44 -2.37 -19.72 -8.11
C VAL B 44 -3.48 -20.76 -7.93
N SER B 45 -4.47 -20.43 -7.11
CA SER B 45 -5.60 -21.35 -6.89
C SER B 45 -6.45 -21.47 -8.14
N GLY B 46 -7.22 -22.57 -8.24
CA GLY B 46 -8.06 -22.78 -9.40
C GLY B 46 -8.92 -21.56 -9.66
N ASP B 47 -9.52 -21.07 -8.59
CA ASP B 47 -10.33 -19.86 -8.61
C ASP B 47 -9.70 -19.04 -7.51
N HIS B 48 -8.77 -18.18 -7.89
CA HIS B 48 -8.03 -17.38 -6.92
C HIS B 48 -8.73 -16.14 -6.35
N CYS B 49 -9.30 -15.32 -7.23
CA CYS B 49 -9.98 -14.11 -6.82
C CYS B 49 -10.80 -13.54 -7.98
N ARG B 50 -11.65 -12.57 -7.68
CA ARG B 50 -12.49 -11.94 -8.69
C ARG B 50 -12.61 -10.45 -8.45
N ILE B 51 -12.56 -9.68 -9.53
CA ILE B 51 -12.68 -8.23 -9.43
C ILE B 51 -14.09 -7.90 -9.89
N VAL B 52 -14.79 -7.11 -9.08
CA VAL B 52 -16.18 -6.74 -9.35
C VAL B 52 -16.45 -5.25 -9.21
N VAL B 53 -17.17 -4.69 -10.19
CA VAL B 53 -17.52 -3.29 -10.14
C VAL B 53 -19.00 -3.21 -9.80
N ASP B 54 -19.36 -2.30 -8.89
CA ASP B 54 -20.76 -2.13 -8.48
C ASP B 54 -21.42 -1.10 -9.39
N GLU B 55 -22.50 -1.51 -10.04
CA GLU B 55 -23.22 -0.63 -10.97
C GLU B 55 -23.84 0.58 -10.28
N LYS B 56 -24.40 0.37 -9.10
CA LYS B 56 -25.02 1.45 -8.31
C LYS B 56 -24.04 2.47 -7.71
N SER B 57 -23.19 2.02 -6.80
CA SER B 57 -22.24 2.91 -6.15
C SER B 57 -21.07 3.25 -7.06
N GLY B 58 -20.68 2.29 -7.90
CA GLY B 58 -19.57 2.54 -8.81
C GLY B 58 -18.25 2.11 -8.21
N GLN B 59 -18.31 1.48 -7.03
CA GLN B 59 -17.13 1.02 -6.34
C GLN B 59 -16.59 -0.30 -6.91
N VAL B 60 -15.27 -0.40 -6.97
CA VAL B 60 -14.63 -1.59 -7.47
C VAL B 60 -14.06 -2.38 -6.29
N THR B 61 -14.26 -3.69 -6.32
CA THR B 61 -13.77 -4.53 -5.24
C THR B 61 -13.06 -5.80 -5.77
N LEU B 62 -12.24 -6.39 -4.91
CA LEU B 62 -11.53 -7.63 -5.24
C LEU B 62 -11.85 -8.60 -4.12
N GLU B 63 -12.32 -9.78 -4.47
CA GLU B 63 -12.67 -10.77 -3.45
C GLU B 63 -11.76 -11.99 -3.58
N ASP B 64 -11.05 -12.29 -2.51
CA ASP B 64 -10.15 -13.44 -2.49
C ASP B 64 -10.89 -14.75 -2.24
N THR B 65 -10.65 -15.74 -3.09
CA THR B 65 -11.27 -17.05 -2.94
C THR B 65 -10.19 -18.14 -2.98
N SER B 66 -8.93 -17.73 -2.85
CA SER B 66 -7.81 -18.67 -2.90
C SER B 66 -7.59 -19.39 -1.56
N THR B 67 -6.67 -20.35 -1.56
CA THR B 67 -6.37 -21.11 -0.35
C THR B 67 -5.31 -20.43 0.53
N SER B 68 -4.59 -19.46 -0.03
CA SER B 68 -3.54 -18.77 0.74
C SER B 68 -3.67 -17.24 0.74
N GLY B 69 -4.63 -16.72 -0.01
CA GLY B 69 -4.84 -15.27 -0.03
C GLY B 69 -4.29 -14.49 -1.20
N THR B 70 -4.64 -13.21 -1.24
CA THR B 70 -4.20 -12.29 -2.28
C THR B 70 -3.63 -11.03 -1.64
N VAL B 71 -2.44 -10.63 -2.08
CA VAL B 71 -1.79 -9.44 -1.53
C VAL B 71 -2.08 -8.24 -2.41
N ILE B 72 -2.27 -7.09 -1.80
CA ILE B 72 -2.56 -5.85 -2.51
C ILE B 72 -1.75 -4.68 -1.95
N ASN B 73 -0.92 -4.04 -2.78
CA ASN B 73 -0.14 -2.89 -2.35
C ASN B 73 -1.06 -1.68 -2.52
N LYS B 74 -1.23 -0.89 -1.46
CA LYS B 74 -2.15 0.24 -1.52
C LYS B 74 -1.68 1.54 -0.86
N LEU B 75 -1.96 2.67 -1.49
CA LEU B 75 -1.59 3.98 -0.95
C LEU B 75 -2.82 4.60 -0.27
N LYS B 76 -2.75 4.80 1.04
CA LYS B 76 -3.85 5.37 1.79
C LYS B 76 -3.56 6.82 2.16
N VAL B 77 -4.58 7.66 2.15
CA VAL B 77 -4.42 9.08 2.49
C VAL B 77 -5.05 9.31 3.86
N VAL B 78 -4.24 9.77 4.80
CA VAL B 78 -4.70 10.04 6.15
C VAL B 78 -4.74 11.56 6.34
N LYS B 79 -5.95 12.11 6.43
CA LYS B 79 -6.15 13.55 6.58
C LYS B 79 -6.88 13.87 7.88
N LYS B 80 -6.17 14.54 8.80
CA LYS B 80 -6.76 14.89 10.09
C LYS B 80 -7.48 13.70 10.70
N GLN B 81 -6.85 12.53 10.67
CA GLN B 81 -7.48 11.34 11.23
C GLN B 81 -6.44 10.36 11.74
N THR B 82 -6.92 9.35 12.47
CA THR B 82 -6.06 8.34 13.03
C THR B 82 -6.01 7.14 12.09
N CYS B 83 -4.90 6.40 12.11
CA CYS B 83 -4.76 5.24 11.24
C CYS B 83 -3.76 4.24 11.79
N PRO B 84 -4.07 2.93 11.64
CA PRO B 84 -3.16 1.90 12.14
C PRO B 84 -1.88 1.86 11.31
N LEU B 85 -0.79 1.48 11.97
CA LEU B 85 0.53 1.38 11.35
C LEU B 85 1.10 -0.01 11.62
N GLN B 86 1.43 -0.74 10.57
CA GLN B 86 1.98 -2.08 10.72
C GLN B 86 3.40 -2.12 10.15
N THR B 87 4.21 -3.08 10.59
CA THR B 87 5.59 -3.23 10.13
C THR B 87 5.60 -3.39 8.61
N GLY B 88 6.43 -2.60 7.94
CA GLY B 88 6.51 -2.67 6.49
C GLY B 88 5.86 -1.47 5.82
N ASP B 89 4.90 -0.84 6.49
CA ASP B 89 4.23 0.34 5.93
C ASP B 89 5.25 1.45 5.70
N VAL B 90 5.04 2.27 4.69
CA VAL B 90 5.94 3.39 4.41
C VAL B 90 5.15 4.69 4.57
N ILE B 91 5.64 5.58 5.41
CA ILE B 91 4.99 6.86 5.68
C ILE B 91 5.57 7.91 4.74
N TYR B 92 4.70 8.57 3.97
CA TYR B 92 5.12 9.65 3.08
C TYR B 92 4.66 10.99 3.66
N LEU B 93 5.58 11.75 4.26
CA LEU B 93 5.26 13.06 4.80
C LEU B 93 5.00 14.00 3.63
N VAL B 94 5.64 13.67 2.51
CA VAL B 94 5.48 14.44 1.29
C VAL B 94 5.39 13.40 0.19
N TYR B 95 4.33 13.47 -0.59
CA TYR B 95 4.12 12.53 -1.67
C TYR B 95 3.73 13.27 -2.93
N ARG B 96 4.44 12.97 -4.01
CA ARG B 96 4.19 13.57 -5.31
C ARG B 96 4.20 12.42 -6.30
N LYS B 97 3.03 12.14 -6.87
CA LYS B 97 2.91 11.06 -7.85
C LYS B 97 3.80 11.41 -9.05
N ASN B 98 3.57 12.61 -9.58
CA ASN B 98 4.31 13.12 -10.72
C ASN B 98 5.81 13.28 -10.46
N GLU B 99 6.18 13.74 -9.27
CA GLU B 99 7.60 13.92 -8.96
C GLU B 99 8.04 13.29 -7.65
N PRO B 100 8.38 11.99 -7.67
CA PRO B 100 8.82 11.28 -6.47
C PRO B 100 10.17 11.77 -5.93
N GLU B 101 10.86 12.62 -6.68
CA GLU B 101 12.17 13.14 -6.24
C GLU B 101 11.95 13.98 -4.99
N HIS B 102 10.77 14.56 -4.88
CA HIS B 102 10.41 15.41 -3.76
C HIS B 102 9.73 14.64 -2.63
N ASN B 103 9.62 13.33 -2.80
CA ASN B 103 9.01 12.51 -1.77
C ASN B 103 9.87 12.47 -0.53
N VAL B 104 9.22 12.37 0.62
CA VAL B 104 9.90 12.23 1.89
C VAL B 104 9.19 11.02 2.51
N ALA B 105 9.80 9.85 2.33
CA ALA B 105 9.24 8.59 2.83
C ALA B 105 10.04 7.93 3.93
N TYR B 106 9.32 7.30 4.87
CA TYR B 106 9.92 6.59 5.98
C TYR B 106 9.29 5.21 6.17
N LEU B 107 10.13 4.19 6.19
CA LEU B 107 9.69 2.83 6.39
C LEU B 107 9.55 2.63 7.90
N TYR B 108 8.40 2.12 8.35
CA TYR B 108 8.19 1.87 9.77
C TYR B 108 8.34 0.39 10.10
N GLU B 109 8.95 0.10 11.24
CA GLU B 109 9.15 -1.27 11.69
C GLU B 109 9.14 -1.36 13.22
N SER B 110 8.31 -2.25 13.76
CA SER B 110 8.25 -2.43 15.20
C SER B 110 9.44 -3.26 15.63
N LEU B 111 9.90 -3.03 16.85
CA LEU B 111 11.04 -3.78 17.36
C LEU B 111 10.61 -4.80 18.41
N SER B 112 9.38 -4.66 18.89
CA SER B 112 8.85 -5.61 19.85
C SER B 112 8.96 -6.92 19.08
#